data_8B7Q
#
_entry.id   8B7Q
#
_cell.length_a   1.00
_cell.length_b   1.00
_cell.length_c   1.00
_cell.angle_alpha   90.00
_cell.angle_beta   90.00
_cell.angle_gamma   90.00
#
_symmetry.space_group_name_H-M   'P 1'
#
loop_
_entity.id
_entity.type
_entity.pdbx_description
1 polymer Leptin
2 polymer 'Leptin receptor'
3 non-polymer 2-acetamido-2-deoxy-beta-D-glucopyranose
#
loop_
_entity_poly.entity_id
_entity_poly.type
_entity_poly.pdbx_seq_one_letter_code
_entity_poly.pdbx_strand_id
1 'polypeptide(L)'
;MGSSHHHHHHPGGPGSENLYFQGGSTGGVPIQKVQDDTKTLIKTIVTRINDISHTQSVSAKQRVTGLDFIPGLHPILSLS
KMDQTLAVYQQVLTSLPSQNVLQIANDLENLRDLLHLLAFSKSCSLPQTSGLQKPESLDGVLEASLYSTEVVALSRLQGS
LQDILQQLDVSPEC
;
A
2 'polypeptide(L)'
;LNLAYPISPWKFKLFCGPPNTTDDSFLSPAGAPNNASALKGASEAIVEAKFNSSGIYVPELSKTVFHCCFGNEQGQNCSA
LTDNTEGKTLASVVKASVFRQLGVNWDIECWMKGDLTLFICHMEPLPKNPFKNYDSKVHLLYDLPEVIDDSPLPPLKDSF
QTVQCNCSLRGCECHVPVPRAKLNYALLMYLEITSAGVSFQSPLMSLQPMLVVKPDPPLGLHMEVTDDGNLKISWDSQTM
APFPLQYQVKYLENSTIVREAAEIVSATSLLVDSVLPGSSYEVQVRSKRLDGSGVWSDWSSPQVFTTQDVVYFPPKILTS
VGSNASFHCIYKNENQIISSKQIVWWRNLAEKIPEIQYSIVSDRVSKVTFSNLKATRPRGKFTYDAVYCCNEQACHHRYA
ELYVIDVNINISCETDGYLTKMTCRWSPSTIQSLVGSTVQLRYHRRSLYCPDSPSIHPTSEPKNCVLQRDGFYECVFQPI
FLLSGYTMWIRINHSLGSLDSPPTCVLPDSVVKPLPPSNVKAEITVNTGLLKVSWEKPVFPENNLQFQIRYGLSGKEIQW
KTHEVFDAKSKSASLLVSDLCAVYVVQVRCRRLDGLGYWSNWSSPAYTLVMDVKVPMRGPEFWRKMDGDVTKKERNVTLL
WKPLTKNDSLCSVRRYVVKHRTAHNGTWSEDVGNRTNLTFLWTEPAHTVTVLAVNSLGASLVNFNLTFSWPMSKVSAVES
LSAYPLSSSCVILSWTLSPDDYSLLYLVIEWKILNEDDGMKWLRIPSNVKKFYIHDNFIPIEKYQFSLYPVFMEGVGKPK
IINGFTKDAIDKQQNDAGSTGGSGGSGGSGGSGGSRMKQIEDKIEEILSKIYHIENEIARIKKLIGER
;
B,F
#
# COMPACT_ATOMS: atom_id res chain seq x y z
N VAL A 29 27.21 10.31 0.29
CA VAL A 29 25.93 9.74 -0.13
C VAL A 29 25.81 9.76 -1.64
N PRO A 30 25.64 8.57 -2.24
CA PRO A 30 25.55 8.48 -3.70
C PRO A 30 24.21 8.95 -4.22
N ILE A 31 24.22 10.06 -4.98
CA ILE A 31 22.97 10.64 -5.48
C ILE A 31 22.28 9.66 -6.43
N GLN A 32 23.06 8.89 -7.18
CA GLN A 32 22.45 7.89 -8.06
C GLN A 32 21.62 6.90 -7.25
N LYS A 33 22.13 6.50 -6.08
CA LYS A 33 21.39 5.58 -5.23
C LYS A 33 20.15 6.24 -4.65
N VAL A 34 20.22 7.54 -4.36
CA VAL A 34 19.06 8.24 -3.85
C VAL A 34 17.98 8.31 -4.93
N GLN A 35 18.37 8.57 -6.17
CA GLN A 35 17.41 8.60 -7.26
C GLN A 35 16.81 7.22 -7.51
N ASP A 36 17.62 6.17 -7.40
CA ASP A 36 17.08 4.84 -7.60
C ASP A 36 16.11 4.47 -6.48
N ASP A 37 16.42 4.86 -5.23
CA ASP A 37 15.50 4.57 -4.15
C ASP A 37 14.23 5.41 -4.29
N THR A 38 14.34 6.62 -4.82
CA THR A 38 13.16 7.44 -5.06
C THR A 38 12.25 6.80 -6.09
N LYS A 39 12.84 6.31 -7.19
CA LYS A 39 12.04 5.64 -8.20
C LYS A 39 11.38 4.38 -7.64
N THR A 40 12.14 3.61 -6.86
CA THR A 40 11.58 2.39 -6.26
C THR A 40 10.43 2.72 -5.30
N LEU A 41 10.59 3.77 -4.50
CA LEU A 41 9.53 4.15 -3.57
C LEU A 41 8.29 4.63 -4.31
N ILE A 42 8.48 5.41 -5.39
CA ILE A 42 7.35 5.88 -6.18
C ILE A 42 6.62 4.68 -6.79
N LYS A 43 7.37 3.75 -7.37
CA LYS A 43 6.74 2.55 -7.92
C LYS A 43 5.99 1.77 -6.84
N THR A 44 6.56 1.69 -5.63
CA THR A 44 5.89 1.00 -4.54
C THR A 44 4.57 1.66 -4.19
N ILE A 45 4.55 2.99 -4.08
CA ILE A 45 3.30 3.68 -3.75
C ILE A 45 2.28 3.52 -4.87
N VAL A 46 2.73 3.61 -6.12
CA VAL A 46 1.82 3.43 -7.25
C VAL A 46 1.22 2.03 -7.22
N THR A 47 2.04 1.02 -6.92
CA THR A 47 1.52 -0.34 -6.83
C THR A 47 0.53 -0.49 -5.68
N ARG A 48 0.81 0.14 -4.55
CA ARG A 48 -0.11 0.09 -3.43
C ARG A 48 -1.46 0.72 -3.80
N ILE A 49 -1.44 1.83 -4.52
CA ILE A 49 -2.69 2.46 -4.93
C ILE A 49 -3.41 1.61 -5.98
N ASN A 50 -2.64 0.94 -6.84
CA ASN A 50 -3.22 0.02 -7.82
C ASN A 50 -3.91 -1.16 -7.15
N ASP A 51 -3.37 -1.62 -6.02
CA ASP A 51 -3.96 -2.75 -5.32
C ASP A 51 -5.31 -2.40 -4.69
N ILE A 52 -5.58 -1.12 -4.41
CA ILE A 52 -6.88 -0.73 -3.90
C ILE A 52 -7.88 -0.71 -5.05
N SER A 53 -8.57 -1.84 -5.24
CA SER A 53 -9.48 -2.07 -6.35
C SER A 53 -10.37 -0.89 -6.71
N HIS A 54 -11.07 -0.32 -5.72
CA HIS A 54 -12.03 0.75 -5.98
C HIS A 54 -11.40 2.08 -6.39
N THR A 55 -10.08 2.17 -6.53
CA THR A 55 -9.45 3.42 -6.94
C THR A 55 -9.05 3.46 -8.40
N GLN A 56 -8.71 2.31 -8.98
CA GLN A 56 -8.28 2.29 -10.38
C GLN A 56 -9.42 2.58 -11.34
N SER A 57 -10.66 2.28 -10.94
CA SER A 57 -11.83 2.51 -11.79
C SER A 57 -12.24 3.97 -11.88
N VAL A 58 -11.68 4.85 -11.06
CA VAL A 58 -12.09 6.25 -11.05
C VAL A 58 -11.17 7.05 -11.96
N SER A 59 -11.78 7.80 -12.89
CA SER A 59 -11.02 8.62 -13.82
C SER A 59 -10.47 9.87 -13.14
N ALA A 60 -9.14 9.99 -13.12
CA ALA A 60 -8.49 11.16 -12.53
C ALA A 60 -8.75 12.43 -13.32
N LYS A 61 -9.19 12.32 -14.57
CA LYS A 61 -9.49 13.48 -15.40
C LYS A 61 -10.89 14.03 -15.12
N GLN A 62 -11.86 13.15 -14.91
CA GLN A 62 -13.23 13.58 -14.63
C GLN A 62 -13.26 14.44 -13.37
N ARG A 63 -13.56 15.72 -13.54
CA ARG A 63 -13.51 16.68 -12.45
C ARG A 63 -14.68 16.50 -11.49
N VAL A 64 -14.41 16.73 -10.22
CA VAL A 64 -15.40 16.67 -9.14
C VAL A 64 -15.40 18.02 -8.45
N THR A 65 -16.57 18.63 -8.34
CA THR A 65 -16.66 19.94 -7.70
C THR A 65 -16.62 19.81 -6.19
N GLY A 66 -16.06 20.82 -5.54
CA GLY A 66 -15.89 20.83 -4.11
C GLY A 66 -14.55 20.34 -3.63
N LEU A 67 -13.80 19.64 -4.48
CA LEU A 67 -12.49 19.11 -4.16
C LEU A 67 -11.41 19.75 -5.02
N ASP A 68 -11.53 21.06 -5.25
CA ASP A 68 -10.54 21.78 -6.05
C ASP A 68 -9.24 22.00 -5.29
N PHE A 69 -9.26 21.89 -3.97
CA PHE A 69 -8.06 22.02 -3.14
C PHE A 69 -7.11 20.83 -3.30
N ILE A 70 -7.49 19.81 -4.04
CA ILE A 70 -6.67 18.61 -4.23
C ILE A 70 -6.00 18.66 -5.60
N PRO A 71 -4.71 19.05 -5.66
CA PRO A 71 -3.96 19.17 -6.92
C PRO A 71 -4.35 18.22 -8.04
N GLY A 72 -5.20 18.70 -8.94
CA GLY A 72 -5.67 17.90 -10.05
C GLY A 72 -4.66 17.74 -11.16
N LEU A 73 -4.71 18.61 -12.19
CA LEU A 73 -3.75 18.50 -13.27
C LEU A 73 -2.85 19.74 -13.35
N HIS A 74 -2.13 20.02 -12.27
CA HIS A 74 -1.17 21.11 -12.25
C HIS A 74 0.10 20.65 -12.96
N PRO A 75 0.58 21.35 -13.98
CA PRO A 75 1.80 20.91 -14.66
C PRO A 75 3.02 20.95 -13.76
N ILE A 76 3.22 19.88 -13.00
CA ILE A 76 4.29 19.76 -12.01
C ILE A 76 5.64 19.92 -12.69
N LEU A 77 6.33 21.02 -12.44
CA LEU A 77 7.62 21.26 -13.08
C LEU A 77 8.78 21.51 -12.12
N SER A 78 8.55 22.11 -10.95
CA SER A 78 9.65 22.41 -10.04
C SER A 78 9.65 21.49 -8.83
N LEU A 79 10.79 21.47 -8.14
CA LEU A 79 10.93 20.69 -6.92
C LEU A 79 10.01 21.20 -5.82
N SER A 80 9.89 22.52 -5.71
CA SER A 80 9.01 23.09 -4.70
C SER A 80 7.55 22.80 -4.99
N LYS A 81 7.18 22.72 -6.27
CA LYS A 81 5.81 22.36 -6.61
C LYS A 81 5.54 20.91 -6.24
N MET A 82 6.52 20.03 -6.49
CA MET A 82 6.38 18.63 -6.09
C MET A 82 6.22 18.52 -4.58
N ASP A 83 7.05 19.28 -3.84
CA ASP A 83 6.98 19.23 -2.38
C ASP A 83 5.64 19.71 -1.86
N GLN A 84 5.16 20.86 -2.37
CA GLN A 84 3.86 21.35 -1.88
C GLN A 84 2.72 20.43 -2.29
N THR A 85 2.80 19.81 -3.47
CA THR A 85 1.76 18.88 -3.89
C THR A 85 1.72 17.66 -2.97
N LEU A 86 2.89 17.07 -2.71
CA LEU A 86 2.94 15.92 -1.83
C LEU A 86 2.55 16.29 -0.41
N ALA A 87 2.85 17.51 0.04
CA ALA A 87 2.43 17.91 1.38
C ALA A 87 0.92 18.05 1.46
N VAL A 88 0.28 18.53 0.39
CA VAL A 88 -1.17 18.62 0.37
C VAL A 88 -1.79 17.23 0.40
N TYR A 89 -1.29 16.33 -0.46
CA TYR A 89 -1.81 14.97 -0.44
C TYR A 89 -1.59 14.30 0.92
N GLN A 90 -0.46 14.59 1.56
CA GLN A 90 -0.18 14.02 2.87
C GLN A 90 -1.19 14.51 3.89
N GLN A 91 -1.46 15.81 3.91
CA GLN A 91 -2.42 16.36 4.86
C GLN A 91 -3.81 15.81 4.60
N VAL A 92 -4.20 15.64 3.34
CA VAL A 92 -5.52 15.09 3.02
C VAL A 92 -5.61 13.64 3.48
N LEU A 93 -4.61 12.82 3.15
CA LEU A 93 -4.66 11.41 3.51
C LEU A 93 -4.55 11.18 5.01
N THR A 94 -3.92 12.11 5.74
CA THR A 94 -3.80 11.97 7.18
C THR A 94 -5.16 11.95 7.86
N SER A 95 -6.08 12.77 7.37
CA SER A 95 -7.41 12.86 7.97
C SER A 95 -8.25 11.60 7.75
N LEU A 96 -8.03 10.89 6.64
CA LEU A 96 -8.80 9.68 6.40
C LEU A 96 -8.50 8.64 7.48
N PRO A 97 -9.52 7.89 7.92
CA PRO A 97 -9.32 6.99 9.08
C PRO A 97 -8.90 5.57 8.71
N SER A 98 -8.40 5.36 7.50
CA SER A 98 -7.99 4.03 7.09
C SER A 98 -6.50 3.83 7.35
N GLN A 99 -6.10 2.57 7.51
CA GLN A 99 -4.68 2.30 7.70
C GLN A 99 -3.91 2.28 6.39
N ASN A 100 -4.57 2.01 5.27
CA ASN A 100 -3.90 2.09 3.98
C ASN A 100 -3.49 3.51 3.66
N VAL A 101 -4.36 4.47 3.93
CA VAL A 101 -4.01 5.86 3.67
C VAL A 101 -2.96 6.34 4.67
N LEU A 102 -2.99 5.84 5.91
CA LEU A 102 -1.95 6.22 6.86
C LEU A 102 -0.59 5.73 6.38
N GLN A 103 -0.54 4.51 5.86
CA GLN A 103 0.72 3.99 5.33
C GLN A 103 1.17 4.77 4.11
N ILE A 104 0.24 5.08 3.20
CA ILE A 104 0.59 5.89 2.04
C ILE A 104 1.08 7.26 2.47
N ALA A 105 0.50 7.84 3.52
CA ALA A 105 0.96 9.14 4.02
C ALA A 105 2.38 9.04 4.56
N ASN A 106 2.71 7.95 5.23
CA ASN A 106 4.07 7.79 5.72
C ASN A 106 5.05 7.62 4.55
N ASP A 107 4.65 6.85 3.53
CA ASP A 107 5.51 6.69 2.37
C ASP A 107 5.70 8.01 1.66
N LEU A 108 4.64 8.84 1.60
CA LEU A 108 4.76 10.16 1.00
C LEU A 108 5.68 11.05 1.82
N GLU A 109 5.68 10.89 3.14
CA GLU A 109 6.61 11.66 3.97
C GLU A 109 8.04 11.27 3.65
N ASN A 110 8.28 9.97 3.46
CA ASN A 110 9.63 9.54 3.08
C ASN A 110 9.99 10.09 1.70
N LEU A 111 9.04 10.05 0.77
CA LEU A 111 9.28 10.60 -0.56
C LEU A 111 9.64 12.08 -0.49
N ARG A 112 8.93 12.83 0.36
CA ARG A 112 9.23 14.25 0.52
C ARG A 112 10.63 14.46 1.07
N ASP A 113 11.02 13.65 2.04
CA ASP A 113 12.38 13.78 2.57
C ASP A 113 13.41 13.46 1.48
N LEU A 114 13.11 12.46 0.65
CA LEU A 114 14.00 12.14 -0.46
C LEU A 114 14.08 13.30 -1.45
N LEU A 115 12.95 13.96 -1.70
CA LEU A 115 12.95 15.12 -2.57
C LEU A 115 13.79 16.24 -1.99
N HIS A 116 13.75 16.42 -0.68
CA HIS A 116 14.58 17.45 -0.06
C HIS A 116 16.06 17.09 -0.17
N LEU A 117 16.38 15.80 -0.03
CA LEU A 117 17.76 15.36 -0.19
C LEU A 117 18.23 15.56 -1.62
N LEU A 118 17.34 15.36 -2.59
CA LEU A 118 17.68 15.59 -3.98
C LEU A 118 17.78 17.08 -4.29
N ALA A 119 17.02 17.91 -3.57
CA ALA A 119 17.12 19.34 -3.75
C ALA A 119 18.45 19.86 -3.20
N PHE A 120 18.94 19.27 -2.12
CA PHE A 120 20.21 19.73 -1.57
C PHE A 120 21.39 19.34 -2.46
N SER A 121 21.12 18.64 -3.56
CA SER A 121 22.13 18.20 -4.51
C SER A 121 22.59 19.37 -5.37
N LYS A 122 21.73 19.81 -6.29
CA LYS A 122 22.03 20.91 -7.21
C LYS A 122 22.15 22.27 -6.52
N SER A 123 22.48 22.26 -5.22
CA SER A 123 22.70 23.47 -4.42
C SER A 123 21.59 24.50 -4.61
N CYS A 124 20.41 24.14 -4.10
CA CYS A 124 19.25 25.03 -4.13
C CYS A 124 18.36 24.67 -2.95
N SER A 125 17.79 25.69 -2.32
CA SER A 125 16.97 25.52 -1.13
C SER A 125 15.49 25.69 -1.44
N LEU A 126 14.66 25.10 -0.58
CA LEU A 126 13.22 25.14 -0.71
C LEU A 126 12.60 25.70 0.57
N PRO A 127 11.46 26.41 0.45
CA PRO A 127 10.82 26.99 1.63
C PRO A 127 9.95 25.98 2.38
N GLU A 136 -10.12 25.92 4.88
CA GLU A 136 -10.24 24.77 5.76
C GLU A 136 -11.60 24.08 5.58
N SER A 137 -12.03 24.00 4.32
CA SER A 137 -13.23 23.25 3.96
C SER A 137 -13.01 21.75 3.95
N LEU A 138 -11.77 21.31 4.19
CA LEU A 138 -11.48 19.89 4.24
C LEU A 138 -12.29 19.18 5.33
N ASP A 139 -12.46 19.83 6.48
CA ASP A 139 -13.22 19.22 7.57
C ASP A 139 -14.65 18.90 7.14
N GLY A 140 -15.27 19.79 6.38
CA GLY A 140 -16.65 19.55 5.96
C GLY A 140 -16.76 18.44 4.94
N VAL A 141 -15.82 18.37 3.99
CA VAL A 141 -15.89 17.30 3.01
C VAL A 141 -15.51 15.96 3.63
N LEU A 142 -14.73 15.97 4.73
CA LEU A 142 -14.44 14.71 5.40
C LEU A 142 -15.64 14.24 6.22
N GLU A 143 -16.33 15.19 6.85
CA GLU A 143 -17.49 14.83 7.66
C GLU A 143 -18.64 14.35 6.80
N ALA A 144 -18.95 15.08 5.71
CA ALA A 144 -20.09 14.72 4.88
C ALA A 144 -19.77 13.64 3.85
N SER A 145 -18.62 13.71 3.17
CA SER A 145 -18.32 12.79 2.07
C SER A 145 -16.93 12.18 2.21
N LEU A 146 -16.81 11.19 3.09
CA LEU A 146 -15.52 10.53 3.28
C LEU A 146 -15.10 9.76 2.03
N TYR A 147 -16.05 9.00 1.45
CA TYR A 147 -15.76 8.22 0.25
C TYR A 147 -15.25 9.08 -0.90
N SER A 148 -15.89 10.23 -1.14
CA SER A 148 -15.45 11.08 -2.24
C SER A 148 -14.07 11.64 -1.97
N THR A 149 -13.80 12.00 -0.72
CA THR A 149 -12.48 12.55 -0.37
C THR A 149 -11.41 11.51 -0.62
N GLU A 150 -11.60 10.30 -0.10
CA GLU A 150 -10.62 9.23 -0.29
C GLU A 150 -10.42 8.91 -1.76
N VAL A 151 -11.50 8.64 -2.50
CA VAL A 151 -11.39 8.27 -3.90
C VAL A 151 -10.67 9.34 -4.71
N VAL A 152 -11.08 10.60 -4.58
CA VAL A 152 -10.45 11.65 -5.37
C VAL A 152 -9.01 11.86 -4.94
N ALA A 153 -8.73 11.79 -3.63
CA ALA A 153 -7.37 12.00 -3.16
C ALA A 153 -6.44 10.93 -3.72
N LEU A 154 -6.86 9.66 -3.66
CA LEU A 154 -6.00 8.59 -4.15
C LEU A 154 -5.84 8.64 -5.67
N SER A 155 -6.90 9.02 -6.40
CA SER A 155 -6.75 9.08 -7.85
C SER A 155 -5.82 10.23 -8.26
N ARG A 156 -5.92 11.37 -7.58
CA ARG A 156 -5.03 12.47 -7.93
C ARG A 156 -3.61 12.16 -7.50
N LEU A 157 -3.44 11.49 -6.37
CA LEU A 157 -2.10 11.10 -5.93
C LEU A 157 -1.46 10.16 -6.94
N GLN A 158 -2.22 9.18 -7.43
CA GLN A 158 -1.67 8.28 -8.43
C GLN A 158 -1.25 9.02 -9.69
N GLY A 159 -2.10 9.94 -10.17
CA GLY A 159 -1.71 10.69 -11.35
C GLY A 159 -0.49 11.55 -11.14
N SER A 160 -0.40 12.23 -9.99
CA SER A 160 0.76 13.06 -9.69
C SER A 160 2.03 12.23 -9.59
N LEU A 161 1.95 11.06 -8.94
CA LEU A 161 3.13 10.22 -8.81
C LEU A 161 3.57 9.66 -10.16
N GLN A 162 2.62 9.30 -11.02
CA GLN A 162 3.02 8.83 -12.35
C GLN A 162 3.67 9.96 -13.15
N ASP A 163 3.22 11.20 -12.95
CA ASP A 163 3.86 12.31 -13.66
C ASP A 163 5.26 12.57 -13.13
N ILE A 164 5.43 12.53 -11.80
CA ILE A 164 6.75 12.74 -11.21
C ILE A 164 7.70 11.64 -11.66
N LEU A 165 7.25 10.39 -11.64
CA LEU A 165 8.10 9.28 -12.07
C LEU A 165 8.51 9.44 -13.53
N GLN A 166 7.55 9.77 -14.39
CA GLN A 166 7.87 9.93 -15.81
C GLN A 166 8.78 11.13 -16.05
N GLN A 167 8.74 12.14 -15.19
CA GLN A 167 9.60 13.31 -15.33
C GLN A 167 10.92 13.18 -14.58
N LEU A 168 11.11 12.10 -13.81
CA LEU A 168 12.37 11.93 -13.10
C LEU A 168 13.51 11.51 -14.02
N ASP A 169 13.21 10.94 -15.18
CA ASP A 169 14.27 10.58 -16.12
C ASP A 169 14.95 11.83 -16.67
N VAL A 170 14.19 12.90 -16.88
CA VAL A 170 14.75 14.17 -17.32
C VAL A 170 15.14 14.97 -16.08
N SER A 171 16.35 15.51 -16.10
CA SER A 171 16.87 16.29 -14.97
C SER A 171 15.91 17.42 -14.61
N PRO A 172 15.31 17.40 -13.43
CA PRO A 172 14.35 18.44 -13.05
C PRO A 172 15.01 19.68 -12.45
N GLU A 173 14.43 20.83 -12.78
CA GLU A 173 14.89 22.10 -12.26
C GLU A 173 14.44 22.29 -10.80
N CYS A 174 15.16 23.14 -10.09
CA CYS A 174 14.84 23.45 -8.70
C CYS A 174 13.57 24.29 -8.61
N ASP B 406 24.58 -9.38 31.70
CA ASP B 406 24.81 -9.44 30.26
C ASP B 406 23.76 -8.63 29.51
N VAL B 407 24.12 -7.40 29.15
CA VAL B 407 23.21 -6.50 28.46
C VAL B 407 23.38 -6.65 26.94
N ASN B 408 24.11 -7.68 26.50
CA ASN B 408 24.33 -7.91 25.07
C ASN B 408 23.11 -8.62 24.46
N ILE B 409 22.00 -7.91 24.44
CA ILE B 409 20.75 -8.41 23.88
C ILE B 409 20.70 -8.07 22.39
N ASN B 410 20.39 -9.06 21.56
CA ASN B 410 20.28 -8.87 20.12
C ASN B 410 18.82 -8.67 19.76
N ILE B 411 18.54 -7.64 18.98
CA ILE B 411 17.19 -7.32 18.51
C ILE B 411 17.13 -7.61 17.01
N SER B 412 16.20 -8.46 16.61
CA SER B 412 16.01 -8.79 15.19
C SER B 412 14.62 -8.33 14.76
N CYS B 413 14.56 -7.64 13.64
CA CYS B 413 13.31 -7.08 13.11
C CYS B 413 12.99 -7.75 11.79
N GLU B 414 11.70 -7.84 11.48
CA GLU B 414 11.24 -8.48 10.25
C GLU B 414 10.02 -7.74 9.73
N THR B 415 10.10 -7.26 8.48
CA THR B 415 9.00 -6.58 7.83
C THR B 415 8.14 -7.57 7.07
N ASP B 416 6.82 -7.42 7.18
CA ASP B 416 5.90 -8.33 6.52
C ASP B 416 6.01 -8.21 5.00
N GLY B 417 5.45 -9.22 4.31
CA GLY B 417 5.48 -9.23 2.85
C GLY B 417 4.71 -8.12 2.19
N TYR B 418 3.81 -7.46 2.91
CA TYR B 418 3.04 -6.35 2.39
C TYR B 418 3.64 -5.00 2.73
N LEU B 419 4.75 -4.98 3.47
CA LEU B 419 5.42 -3.74 3.85
C LEU B 419 4.47 -2.82 4.62
N THR B 420 3.69 -3.41 5.52
CA THR B 420 2.74 -2.67 6.33
C THR B 420 3.12 -2.59 7.81
N LYS B 421 3.98 -3.49 8.28
CA LYS B 421 4.35 -3.50 9.69
C LYS B 421 5.70 -4.20 9.84
N MET B 422 6.39 -3.89 10.94
CA MET B 422 7.66 -4.51 11.26
C MET B 422 7.62 -5.03 12.68
N THR B 423 7.93 -6.32 12.86
CA THR B 423 7.94 -6.96 14.17
C THR B 423 9.38 -7.20 14.59
N CYS B 424 9.75 -6.69 15.75
CA CYS B 424 11.09 -6.87 16.31
C CYS B 424 11.04 -7.77 17.53
N ARG B 425 12.02 -8.65 17.65
CA ARG B 425 12.07 -9.66 18.71
C ARG B 425 13.41 -9.57 19.45
N TRP B 426 13.35 -9.74 20.77
CA TRP B 426 14.55 -9.72 21.60
C TRP B 426 14.29 -10.56 22.84
N SER B 427 15.37 -11.19 23.36
CA SER B 427 15.17 -12.04 24.52
C SER B 427 15.67 -11.39 25.80
N PRO B 428 14.85 -11.37 26.85
CA PRO B 428 15.30 -10.83 28.15
C PRO B 428 15.82 -11.94 29.05
N SER B 429 16.33 -13.01 28.42
CA SER B 429 16.83 -14.18 29.15
C SER B 429 17.91 -13.83 30.16
N THR B 430 18.67 -12.76 29.91
CA THR B 430 19.73 -12.37 30.84
C THR B 430 19.26 -11.39 31.91
N ILE B 431 18.02 -10.94 31.85
CA ILE B 431 17.51 -9.95 32.80
C ILE B 431 16.39 -10.49 33.68
N GLN B 432 15.74 -11.59 33.29
CA GLN B 432 14.65 -12.15 34.07
C GLN B 432 15.05 -12.41 35.52
N SER B 433 16.30 -12.80 35.75
CA SER B 433 16.76 -13.03 37.12
C SER B 433 16.77 -11.74 37.92
N LEU B 434 17.14 -10.64 37.28
CA LEU B 434 17.19 -9.33 37.92
C LEU B 434 15.77 -8.81 37.98
N VAL B 435 15.13 -8.92 39.13
CA VAL B 435 13.79 -8.41 39.34
C VAL B 435 13.86 -7.16 40.21
N GLY B 436 12.74 -6.44 40.27
CA GLY B 436 12.69 -5.15 40.92
C GLY B 436 13.02 -3.99 40.00
N SER B 437 13.10 -4.24 38.70
CA SER B 437 13.43 -3.21 37.71
C SER B 437 12.70 -3.55 36.41
N THR B 438 12.42 -2.50 35.64
CA THR B 438 11.67 -2.65 34.41
C THR B 438 12.60 -2.69 33.20
N VAL B 439 12.14 -3.37 32.15
CA VAL B 439 12.88 -3.51 30.90
C VAL B 439 11.93 -3.19 29.75
N GLN B 440 12.30 -2.20 28.95
CA GLN B 440 11.45 -1.77 27.83
C GLN B 440 12.33 -1.41 26.65
N LEU B 441 11.76 -1.54 25.45
CA LEU B 441 12.42 -1.17 24.21
C LEU B 441 12.23 0.31 23.91
N ARG B 442 13.33 0.98 23.58
CA ARG B 442 13.34 2.38 23.20
C ARG B 442 13.80 2.46 21.75
N TYR B 443 13.36 3.50 21.04
CA TYR B 443 13.79 3.65 19.66
C TYR B 443 13.80 5.11 19.27
N HIS B 444 14.55 5.40 18.21
CA HIS B 444 14.65 6.72 17.62
C HIS B 444 14.65 6.55 16.11
N ARG B 445 13.97 7.45 15.40
CA ARG B 445 13.85 7.37 13.95
C ARG B 445 14.60 8.52 13.30
N ARG B 446 15.45 8.17 12.33
CA ARG B 446 16.18 9.15 11.54
C ARG B 446 15.43 9.36 10.23
N SER B 447 15.27 10.62 9.83
CA SER B 447 14.50 10.96 8.62
C SER B 447 14.82 10.05 7.44
N LEU B 448 16.10 9.85 7.12
CA LEU B 448 16.46 8.96 6.02
C LEU B 448 17.68 8.13 6.39
N TYR B 449 17.60 6.82 6.12
CA TYR B 449 18.71 5.89 6.25
C TYR B 449 19.29 5.81 7.66
N CYS B 450 20.23 4.89 7.87
CA CYS B 450 20.95 4.60 9.10
C CYS B 450 22.34 5.21 9.05
N PRO B 451 22.83 5.74 10.18
CA PRO B 451 24.22 6.21 10.21
C PRO B 451 25.21 5.06 10.19
N ASP B 452 26.43 5.38 9.76
CA ASP B 452 27.50 4.38 9.68
C ASP B 452 27.77 3.74 11.03
N SER B 453 27.70 4.52 12.10
CA SER B 453 27.90 4.03 13.46
C SER B 453 26.73 4.44 14.33
N PRO B 454 25.87 3.52 14.73
CA PRO B 454 24.71 3.89 15.54
C PRO B 454 25.12 4.46 16.89
N SER B 455 24.30 5.38 17.39
CA SER B 455 24.55 6.04 18.66
C SER B 455 23.25 6.14 19.43
N ILE B 456 23.35 6.09 20.76
CA ILE B 456 22.18 6.20 21.61
C ILE B 456 21.73 7.66 21.62
N HIS B 457 20.71 7.97 20.82
CA HIS B 457 20.23 9.35 20.77
C HIS B 457 19.59 9.73 22.09
N PRO B 458 19.86 10.93 22.61
CA PRO B 458 19.24 11.34 23.88
C PRO B 458 17.73 11.36 23.85
N THR B 459 17.13 11.77 22.73
CA THR B 459 15.69 11.81 22.59
C THR B 459 15.19 10.53 21.92
N SER B 460 14.42 9.73 22.66
CA SER B 460 13.85 8.50 22.16
C SER B 460 12.44 8.35 22.71
N GLU B 461 11.69 7.40 22.16
CA GLU B 461 10.34 7.15 22.61
C GLU B 461 10.17 5.68 22.97
N PRO B 462 9.34 5.38 23.97
CA PRO B 462 9.12 3.99 24.36
C PRO B 462 8.16 3.29 23.41
N LYS B 463 8.39 2.00 23.21
CA LYS B 463 7.55 1.16 22.38
C LYS B 463 6.91 0.08 23.23
N ASN B 464 5.60 -0.10 23.09
CA ASN B 464 4.89 -1.12 23.86
C ASN B 464 5.16 -2.49 23.25
N CYS B 465 5.76 -3.37 24.02
CA CYS B 465 6.06 -4.74 23.60
C CYS B 465 5.20 -5.72 24.41
N VAL B 466 4.82 -6.82 23.76
CA VAL B 466 3.97 -7.84 24.37
C VAL B 466 4.79 -9.11 24.55
N LEU B 467 4.78 -9.63 25.77
CA LEU B 467 5.49 -10.87 26.09
C LEU B 467 4.78 -12.05 25.43
N GLN B 468 5.55 -12.90 24.75
CA GLN B 468 5.00 -14.06 24.07
C GLN B 468 5.24 -15.33 24.90
N ARG B 469 4.53 -16.40 24.52
CA ARG B 469 4.63 -17.67 25.22
C ARG B 469 6.02 -18.27 25.18
N ASP B 470 6.84 -17.93 24.18
CA ASP B 470 8.20 -18.43 24.09
C ASP B 470 9.17 -17.68 25.00
N GLY B 471 8.70 -16.65 25.71
CA GLY B 471 9.53 -15.87 26.59
C GLY B 471 10.16 -14.64 25.96
N PHE B 472 9.96 -14.43 24.67
CA PHE B 472 10.50 -13.25 23.99
C PHE B 472 9.46 -12.15 23.96
N TYR B 473 9.93 -10.91 23.88
CA TYR B 473 9.04 -9.77 23.72
C TYR B 473 8.92 -9.46 22.24
N GLU B 474 7.71 -9.11 21.80
CA GLU B 474 7.47 -8.71 20.43
C GLU B 474 6.88 -7.32 20.39
N CYS B 475 7.52 -6.44 19.62
CA CYS B 475 7.11 -5.06 19.45
C CYS B 475 6.81 -4.88 17.98
N VAL B 476 5.59 -4.42 17.66
CA VAL B 476 5.16 -4.27 16.28
C VAL B 476 5.04 -2.78 15.95
N PHE B 477 5.74 -2.36 14.90
CA PHE B 477 5.70 -0.99 14.41
C PHE B 477 4.75 -0.92 13.23
N GLN B 478 3.68 -0.14 13.36
CA GLN B 478 2.70 -0.02 12.29
C GLN B 478 1.93 1.28 12.43
N PRO B 479 1.91 2.14 11.39
CA PRO B 479 2.58 2.00 10.08
C PRO B 479 4.08 2.19 10.15
N ILE B 480 4.77 1.85 9.06
CA ILE B 480 6.22 1.92 8.99
C ILE B 480 6.64 3.03 8.04
N PHE B 481 7.91 3.41 8.13
CA PHE B 481 8.58 4.35 7.24
C PHE B 481 9.66 3.54 6.52
N LEU B 482 9.31 3.05 5.33
CA LEU B 482 10.18 2.14 4.59
C LEU B 482 11.64 2.60 4.51
N LEU B 483 11.87 3.89 4.27
CA LEU B 483 13.25 4.38 4.11
C LEU B 483 13.78 5.15 5.31
N SER B 484 13.17 5.01 6.48
CA SER B 484 13.68 5.66 7.68
C SER B 484 14.53 4.68 8.48
N GLY B 485 15.61 5.19 9.07
CA GLY B 485 16.47 4.37 9.91
C GLY B 485 15.96 4.29 11.33
N TYR B 486 15.66 3.09 11.80
CA TYR B 486 15.16 2.88 13.16
C TYR B 486 16.30 2.41 14.06
N THR B 487 16.77 3.30 14.94
CA THR B 487 17.78 2.94 15.91
C THR B 487 17.07 2.52 17.18
N MET B 488 17.31 1.29 17.64
CA MET B 488 16.62 0.79 18.81
C MET B 488 17.60 0.09 19.75
N TRP B 489 17.24 0.04 21.02
CA TRP B 489 18.05 -0.58 22.06
C TRP B 489 17.15 -0.89 23.24
N ILE B 490 17.66 -1.68 24.17
CA ILE B 490 16.93 -2.06 25.37
C ILE B 490 17.42 -1.22 26.54
N ARG B 491 16.50 -0.57 27.25
CA ARG B 491 16.82 0.22 28.42
C ARG B 491 16.28 -0.47 29.68
N ILE B 492 17.14 -0.64 30.67
CA ILE B 492 16.75 -1.21 31.96
C ILE B 492 16.73 -0.05 32.95
N ASN B 493 15.55 0.28 33.47
CA ASN B 493 15.42 1.37 34.43
C ASN B 493 15.38 0.80 35.85
N HIS B 494 16.54 0.79 36.49
CA HIS B 494 16.69 0.29 37.85
C HIS B 494 16.58 1.46 38.83
N SER B 495 16.34 1.11 40.11
CA SER B 495 16.27 2.15 41.12
C SER B 495 17.60 2.88 41.26
N LEU B 496 18.71 2.19 41.01
CA LEU B 496 20.03 2.81 41.12
C LEU B 496 20.41 3.61 39.87
N GLY B 497 19.75 3.36 38.74
CA GLY B 497 20.05 4.08 37.52
C GLY B 497 19.50 3.33 36.30
N SER B 498 20.20 3.46 35.18
CA SER B 498 19.80 2.79 33.96
C SER B 498 21.01 2.26 33.21
N LEU B 499 20.79 1.17 32.48
CA LEU B 499 21.79 0.55 31.63
C LEU B 499 21.20 0.41 30.24
N ASP B 500 22.02 0.61 29.22
CA ASP B 500 21.56 0.51 27.84
C ASP B 500 22.38 -0.50 27.06
N SER B 501 21.70 -1.35 26.30
CA SER B 501 22.37 -2.32 25.45
C SER B 501 22.97 -1.58 24.25
N PRO B 502 23.93 -2.20 23.56
CA PRO B 502 24.50 -1.56 22.37
C PRO B 502 23.42 -1.32 21.34
N PRO B 503 23.27 -0.09 20.86
CA PRO B 503 22.19 0.22 19.91
C PRO B 503 22.44 -0.40 18.55
N THR B 504 21.34 -0.72 17.86
CA THR B 504 21.37 -1.25 16.51
C THR B 504 20.41 -0.44 15.65
N CYS B 505 20.81 -0.18 14.41
CA CYS B 505 19.98 0.55 13.46
C CYS B 505 19.54 -0.39 12.35
N VAL B 506 18.24 -0.44 12.10
CA VAL B 506 17.66 -1.32 11.09
C VAL B 506 16.88 -0.47 10.09
N LEU B 507 17.07 -0.77 8.80
CA LEU B 507 16.32 -0.12 7.74
C LEU B 507 15.21 -1.06 7.30
N PRO B 508 13.94 -0.71 7.49
CA PRO B 508 12.85 -1.63 7.13
C PRO B 508 12.89 -2.14 5.71
N ASP B 509 13.35 -1.33 4.76
CA ASP B 509 13.45 -1.78 3.38
C ASP B 509 14.41 -2.96 3.22
N SER B 510 15.43 -3.03 4.07
CA SER B 510 16.45 -4.07 3.97
C SER B 510 16.11 -5.33 4.77
N VAL B 511 15.01 -5.34 5.52
CA VAL B 511 14.64 -6.53 6.28
C VAL B 511 13.27 -7.02 5.85
N VAL B 512 12.91 -6.77 4.59
CA VAL B 512 11.62 -7.19 4.07
C VAL B 512 11.66 -8.68 3.77
N LYS B 513 10.62 -9.40 4.21
CA LYS B 513 10.46 -10.79 3.85
C LYS B 513 9.36 -10.87 2.79
N PRO B 514 9.69 -11.04 1.52
CA PRO B 514 8.66 -11.02 0.47
C PRO B 514 7.70 -12.19 0.59
N LEU B 515 6.54 -12.03 -0.03
CA LEU B 515 5.59 -13.11 -0.18
C LEU B 515 6.12 -14.11 -1.21
N PRO B 516 5.67 -15.35 -1.15
CA PRO B 516 6.16 -16.34 -2.12
C PRO B 516 5.69 -15.99 -3.51
N PRO B 517 6.40 -16.45 -4.55
CA PRO B 517 5.90 -16.28 -5.92
C PRO B 517 4.55 -16.94 -6.10
N SER B 518 3.68 -16.28 -6.86
CA SER B 518 2.32 -16.74 -7.10
C SER B 518 2.18 -17.25 -8.53
N ASN B 519 1.03 -17.88 -8.81
CA ASN B 519 0.71 -18.42 -10.12
C ASN B 519 1.82 -19.35 -10.61
N VAL B 520 2.31 -20.19 -9.71
CA VAL B 520 3.39 -21.12 -10.04
C VAL B 520 2.83 -22.26 -10.88
N LYS B 521 3.41 -22.46 -12.06
CA LYS B 521 3.01 -23.53 -12.95
C LYS B 521 4.20 -24.41 -13.28
N ALA B 522 3.94 -25.70 -13.48
CA ALA B 522 4.96 -26.66 -13.84
C ALA B 522 4.41 -27.59 -14.92
N GLU B 523 5.12 -27.67 -16.05
CA GLU B 523 4.66 -28.47 -17.18
C GLU B 523 5.86 -29.21 -17.77
N ILE B 524 5.61 -30.43 -18.23
CA ILE B 524 6.62 -31.27 -18.87
C ILE B 524 6.36 -31.29 -20.37
N THR B 525 7.28 -30.74 -21.14
CA THR B 525 7.19 -30.73 -22.60
C THR B 525 7.78 -32.05 -23.10
N VAL B 526 6.90 -32.97 -23.51
CA VAL B 526 7.38 -34.28 -23.94
C VAL B 526 8.11 -34.21 -25.27
N ASN B 527 7.86 -33.17 -26.07
CA ASN B 527 8.57 -33.05 -27.34
C ASN B 527 10.06 -32.90 -27.14
N THR B 528 10.47 -32.24 -26.06
CA THR B 528 11.88 -32.08 -25.71
C THR B 528 12.31 -32.89 -24.50
N GLY B 529 11.37 -33.32 -23.66
CA GLY B 529 11.72 -34.03 -22.46
C GLY B 529 12.26 -33.15 -21.35
N LEU B 530 11.76 -31.93 -21.25
CA LEU B 530 12.19 -30.96 -20.24
C LEU B 530 11.06 -30.66 -19.28
N LEU B 531 11.42 -30.33 -18.05
CA LEU B 531 10.47 -29.86 -17.05
C LEU B 531 10.48 -28.34 -17.07
N LYS B 532 9.36 -27.75 -17.50
CA LYS B 532 9.23 -26.31 -17.60
C LYS B 532 8.43 -25.79 -16.40
N VAL B 533 9.07 -24.94 -15.61
CA VAL B 533 8.45 -24.32 -14.44
C VAL B 533 8.27 -22.84 -14.75
N SER B 534 7.11 -22.30 -14.37
CA SER B 534 6.83 -20.89 -14.56
C SER B 534 6.11 -20.35 -13.33
N TRP B 535 6.28 -19.04 -13.10
CA TRP B 535 5.73 -18.40 -11.92
C TRP B 535 5.51 -16.92 -12.20
N GLU B 536 4.90 -16.25 -11.23
CA GLU B 536 4.68 -14.81 -11.24
C GLU B 536 5.27 -14.24 -9.97
N LYS B 537 6.13 -13.24 -10.11
CA LYS B 537 6.76 -12.63 -8.94
C LYS B 537 5.71 -11.98 -8.04
N PRO B 538 5.97 -11.91 -6.74
CA PRO B 538 5.03 -11.27 -5.82
C PRO B 538 4.87 -9.77 -6.11
N VAL B 539 3.77 -9.22 -5.62
CA VAL B 539 3.47 -7.80 -5.79
C VAL B 539 4.64 -6.95 -5.28
N PHE B 540 5.18 -7.29 -4.11
CA PHE B 540 6.30 -6.61 -3.50
C PHE B 540 7.41 -7.59 -3.22
N PRO B 541 8.68 -7.13 -3.18
CA PRO B 541 9.11 -5.74 -3.41
C PRO B 541 9.30 -5.41 -4.89
N GLU B 542 9.47 -4.13 -5.20
CA GLU B 542 9.71 -3.71 -6.57
C GLU B 542 11.15 -3.94 -7.02
N ASN B 543 12.07 -4.19 -6.09
CA ASN B 543 13.46 -4.41 -6.44
C ASN B 543 13.65 -5.73 -7.16
N ASN B 544 14.76 -5.83 -7.89
CA ASN B 544 15.08 -7.06 -8.61
C ASN B 544 15.22 -8.22 -7.63
N LEU B 545 14.66 -9.37 -7.99
CA LEU B 545 14.70 -10.55 -7.16
C LEU B 545 15.44 -11.69 -7.83
N GLN B 546 15.91 -12.61 -7.00
CA GLN B 546 16.49 -13.88 -7.43
C GLN B 546 15.54 -14.99 -6.99
N PHE B 547 15.52 -16.09 -7.74
CA PHE B 547 14.62 -17.18 -7.42
C PHE B 547 15.39 -18.48 -7.23
N GLN B 548 14.79 -19.36 -6.41
CA GLN B 548 15.30 -20.70 -6.16
C GLN B 548 14.14 -21.67 -6.33
N ILE B 549 14.34 -22.70 -7.14
CA ILE B 549 13.31 -23.69 -7.42
C ILE B 549 13.72 -25.03 -6.83
N ARG B 550 12.83 -25.63 -6.04
CA ARG B 550 13.01 -26.98 -5.55
C ARG B 550 11.95 -27.87 -6.17
N TYR B 551 12.35 -29.04 -6.65
CA TYR B 551 11.45 -29.94 -7.35
C TYR B 551 11.80 -31.39 -7.02
N GLY B 552 10.80 -32.25 -7.08
CA GLY B 552 11.03 -33.66 -6.83
C GLY B 552 9.82 -34.47 -7.21
N LEU B 553 10.00 -35.79 -7.19
CA LEU B 553 8.92 -36.71 -7.49
C LEU B 553 7.93 -36.75 -6.33
N SER B 554 6.64 -36.61 -6.64
CA SER B 554 5.63 -36.65 -5.59
C SER B 554 5.58 -38.04 -4.99
N GLY B 555 5.72 -38.13 -3.68
CA GLY B 555 5.71 -39.42 -3.03
C GLY B 555 5.66 -39.30 -1.52
N LYS B 556 5.92 -40.43 -0.87
CA LYS B 556 5.91 -40.50 0.59
C LYS B 556 6.88 -39.50 1.21
N GLU B 557 8.15 -39.55 0.79
CA GLU B 557 9.18 -38.63 1.28
C GLU B 557 9.87 -38.01 0.07
N ILE B 558 9.50 -36.75 -0.22
CA ILE B 558 10.05 -36.03 -1.36
C ILE B 558 11.55 -35.93 -1.26
N GLN B 559 12.25 -36.36 -2.32
CA GLN B 559 13.70 -36.21 -2.40
C GLN B 559 13.94 -34.92 -3.18
N TRP B 560 14.10 -33.82 -2.44
CA TRP B 560 14.20 -32.51 -3.07
C TRP B 560 15.52 -32.32 -3.82
N LYS B 561 15.43 -31.56 -4.90
CA LYS B 561 16.56 -31.08 -5.68
C LYS B 561 16.38 -29.59 -5.86
N THR B 562 17.46 -28.82 -5.78
CA THR B 562 17.34 -27.37 -5.88
C THR B 562 18.08 -26.83 -7.09
N HIS B 563 17.51 -25.77 -7.66
CA HIS B 563 18.06 -25.05 -8.80
C HIS B 563 18.02 -23.57 -8.50
N GLU B 564 19.13 -22.88 -8.74
CA GLU B 564 19.22 -21.46 -8.45
C GLU B 564 19.11 -20.65 -9.74
N VAL B 565 18.32 -19.58 -9.69
CA VAL B 565 18.09 -18.71 -10.84
C VAL B 565 18.56 -17.31 -10.46
N PHE B 566 19.60 -16.83 -11.14
CA PHE B 566 20.16 -15.51 -10.88
C PHE B 566 19.74 -14.47 -11.91
N ASP B 567 18.96 -14.85 -12.91
CA ASP B 567 18.46 -13.89 -13.90
C ASP B 567 17.25 -13.16 -13.32
N ALA B 568 17.40 -11.85 -13.10
CA ALA B 568 16.33 -11.07 -12.48
C ALA B 568 15.09 -11.02 -13.37
N LYS B 569 15.26 -11.05 -14.70
CA LYS B 569 14.13 -10.99 -15.61
C LYS B 569 13.70 -12.37 -16.09
N SER B 570 14.11 -13.43 -15.40
CA SER B 570 13.68 -14.76 -15.76
C SER B 570 12.33 -15.08 -15.13
N LYS B 571 11.38 -15.53 -15.94
CA LYS B 571 10.07 -15.93 -15.45
C LYS B 571 9.82 -17.42 -15.63
N SER B 572 10.83 -18.18 -16.04
CA SER B 572 10.67 -19.61 -16.25
C SER B 572 12.03 -20.27 -16.16
N ALA B 573 12.00 -21.58 -15.88
CA ALA B 573 13.21 -22.39 -15.83
C ALA B 573 12.90 -23.76 -16.42
N SER B 574 13.85 -24.31 -17.16
CA SER B 574 13.71 -25.62 -17.76
C SER B 574 14.75 -26.55 -17.13
N LEU B 575 14.26 -27.63 -16.52
CA LEU B 575 15.10 -28.58 -15.80
C LEU B 575 15.00 -29.95 -16.45
N LEU B 576 16.16 -30.57 -16.70
CA LEU B 576 16.21 -31.90 -17.29
C LEU B 576 16.08 -32.93 -16.18
N VAL B 577 14.98 -33.68 -16.20
CA VAL B 577 14.68 -34.66 -15.17
C VAL B 577 14.98 -36.05 -15.72
N SER B 578 15.26 -36.99 -14.80
CA SER B 578 15.62 -38.35 -15.18
C SER B 578 14.42 -39.18 -15.59
N ASP B 579 13.27 -38.98 -14.97
CA ASP B 579 12.07 -39.76 -15.26
C ASP B 579 11.03 -38.83 -15.88
N LEU B 580 10.79 -39.03 -17.18
CA LEU B 580 9.82 -38.22 -17.92
C LEU B 580 8.37 -38.64 -17.68
N CYS B 581 8.13 -39.83 -17.14
CA CYS B 581 6.78 -40.32 -16.92
C CYS B 581 6.32 -40.21 -15.47
N ALA B 582 7.03 -39.44 -14.64
CA ALA B 582 6.66 -39.27 -13.25
C ALA B 582 6.03 -37.90 -13.01
N VAL B 583 5.21 -37.84 -11.97
CA VAL B 583 4.56 -36.60 -11.55
C VAL B 583 5.51 -35.88 -10.61
N TYR B 584 5.85 -34.64 -10.94
CA TYR B 584 6.71 -33.82 -10.09
C TYR B 584 5.91 -32.74 -9.37
N VAL B 585 6.37 -32.42 -8.16
CA VAL B 585 5.84 -31.34 -7.35
C VAL B 585 6.90 -30.25 -7.29
N VAL B 586 6.48 -29.00 -7.46
CA VAL B 586 7.42 -27.88 -7.52
C VAL B 586 6.94 -26.76 -6.60
N GLN B 587 7.89 -26.13 -5.91
CA GLN B 587 7.65 -24.96 -5.10
C GLN B 587 8.76 -23.95 -5.38
N VAL B 588 8.42 -22.68 -5.34
CA VAL B 588 9.37 -21.60 -5.61
C VAL B 588 9.36 -20.59 -4.49
N ARG B 589 10.53 -20.08 -4.14
CA ARG B 589 10.69 -19.02 -3.17
C ARG B 589 11.63 -17.97 -3.75
N CYS B 590 11.59 -16.77 -3.19
CA CYS B 590 12.36 -15.66 -3.74
C CYS B 590 13.01 -14.86 -2.61
N ARG B 591 14.00 -14.07 -3.00
CA ARG B 591 14.75 -13.22 -2.09
C ARG B 591 15.33 -12.06 -2.90
N ARG B 592 15.60 -10.96 -2.21
CA ARG B 592 16.20 -9.80 -2.86
C ARG B 592 17.55 -10.16 -3.46
N LEU B 593 17.76 -9.72 -4.70
CA LEU B 593 19.01 -10.02 -5.41
C LEU B 593 20.24 -9.52 -4.66
N ASP B 594 20.14 -8.37 -4.00
CA ASP B 594 21.27 -7.85 -3.23
C ASP B 594 21.49 -8.58 -1.90
N GLY B 595 20.64 -9.55 -1.57
CA GLY B 595 20.80 -10.29 -0.34
C GLY B 595 20.43 -9.54 0.92
N LEU B 596 19.90 -8.32 0.80
CA LEU B 596 19.50 -7.52 1.97
C LEU B 596 18.06 -7.88 2.33
N GLY B 597 17.91 -9.05 2.94
CA GLY B 597 16.60 -9.52 3.34
C GLY B 597 16.62 -11.02 3.56
N TYR B 598 15.45 -11.53 3.91
CA TYR B 598 15.25 -12.95 4.16
C TYR B 598 14.65 -13.63 2.93
N TRP B 599 14.72 -14.96 2.92
CA TRP B 599 14.05 -15.74 1.91
C TRP B 599 12.56 -15.83 2.21
N SER B 600 11.76 -15.79 1.15
CA SER B 600 10.32 -15.97 1.31
C SER B 600 9.98 -17.40 1.67
N ASN B 601 8.74 -17.62 2.09
CA ASN B 601 8.23 -18.96 2.29
C ASN B 601 8.10 -19.66 0.94
N TRP B 602 8.04 -20.99 0.98
CA TRP B 602 7.82 -21.75 -0.23
C TRP B 602 6.41 -21.53 -0.75
N SER B 603 6.29 -21.40 -2.07
CA SER B 603 5.00 -21.20 -2.71
C SER B 603 4.09 -22.41 -2.50
N SER B 604 2.81 -22.23 -2.82
CA SER B 604 1.87 -23.34 -2.75
C SER B 604 2.28 -24.39 -3.78
N PRO B 605 2.24 -25.67 -3.43
CA PRO B 605 2.75 -26.70 -4.33
C PRO B 605 2.06 -26.68 -5.69
N ALA B 606 2.85 -26.89 -6.73
CA ALA B 606 2.39 -27.01 -8.10
C ALA B 606 2.66 -28.42 -8.59
N TYR B 607 1.72 -29.00 -9.34
CA TYR B 607 1.87 -30.36 -9.82
C TYR B 607 1.76 -30.38 -11.34
N THR B 608 2.49 -31.31 -11.94
CA THR B 608 2.43 -31.55 -13.37
C THR B 608 1.38 -32.61 -13.71
N LEU B 609 1.18 -32.79 -15.01
CA LEU B 609 0.26 -33.79 -15.55
C LEU B 609 1.05 -34.78 -16.40
N VAL B 610 0.40 -35.87 -16.77
CA VAL B 610 1.01 -36.88 -17.63
C VAL B 610 -0.06 -37.77 -18.23
N MET B 611 -0.03 -37.92 -19.55
CA MET B 611 -1.01 -38.74 -20.25
C MET B 611 -0.50 -39.18 -21.61
N ASP C 309 -24.99 23.05 -3.51
CA ASP C 309 -25.46 22.02 -2.58
C ASP C 309 -26.44 21.09 -3.27
N VAL C 310 -26.52 19.85 -2.79
CA VAL C 310 -27.43 18.85 -3.32
C VAL C 310 -28.24 18.27 -2.17
N VAL C 311 -29.47 17.87 -2.47
CA VAL C 311 -30.38 17.28 -1.49
C VAL C 311 -30.87 15.96 -2.04
N TYR C 312 -30.79 14.91 -1.23
CA TYR C 312 -31.25 13.58 -1.62
C TYR C 312 -32.54 13.23 -0.89
N PHE C 313 -33.46 12.63 -1.62
CA PHE C 313 -34.75 12.21 -1.08
C PHE C 313 -34.95 10.73 -1.34
N PRO C 314 -34.70 9.84 -0.37
CA PRO C 314 -34.24 10.10 1.01
C PRO C 314 -32.72 10.09 1.10
N PRO C 315 -32.16 10.60 2.20
CA PRO C 315 -30.70 10.63 2.33
C PRO C 315 -30.07 9.24 2.36
N LYS C 316 -30.73 8.24 2.93
CA LYS C 316 -30.18 6.90 3.01
C LYS C 316 -31.29 5.88 2.81
N ILE C 317 -30.94 4.75 2.20
CA ILE C 317 -31.89 3.64 2.01
C ILE C 317 -31.25 2.36 2.51
N LEU C 318 -31.96 1.65 3.37
CA LEU C 318 -31.54 0.35 3.89
C LEU C 318 -32.52 -0.69 3.38
N THR C 319 -32.04 -1.62 2.56
CA THR C 319 -32.92 -2.63 1.99
C THR C 319 -32.19 -3.95 1.86
N SER C 320 -32.94 -4.98 1.45
CA SER C 320 -32.44 -6.33 1.27
C SER C 320 -32.41 -6.70 -0.20
N VAL C 321 -31.64 -7.75 -0.50
CA VAL C 321 -31.49 -8.25 -1.87
C VAL C 321 -32.85 -8.49 -2.51
N GLY C 322 -32.97 -8.10 -3.78
CA GLY C 322 -34.17 -8.30 -4.57
C GLY C 322 -35.17 -7.16 -4.51
N SER C 323 -35.07 -6.28 -3.52
CA SER C 323 -35.99 -5.18 -3.39
C SER C 323 -35.63 -4.05 -4.37
N ASN C 324 -36.55 -3.10 -4.50
CA ASN C 324 -36.34 -1.92 -5.32
C ASN C 324 -36.12 -0.71 -4.42
N ALA C 325 -35.32 0.23 -4.90
CA ALA C 325 -34.99 1.44 -4.15
C ALA C 325 -34.88 2.60 -5.12
N SER C 326 -35.43 3.76 -4.73
CA SER C 326 -35.40 4.95 -5.56
C SER C 326 -34.83 6.12 -4.77
N PHE C 327 -33.97 6.90 -5.43
CA PHE C 327 -33.38 8.10 -4.86
C PHE C 327 -33.78 9.31 -5.67
N HIS C 328 -34.11 10.40 -4.98
CA HIS C 328 -34.39 11.67 -5.62
C HIS C 328 -33.24 12.63 -5.30
N CYS C 329 -32.97 13.57 -6.21
CA CYS C 329 -31.90 14.51 -5.95
C CYS C 329 -32.22 15.86 -6.57
N ILE C 330 -31.69 16.91 -5.94
CA ILE C 330 -31.82 18.29 -6.39
C ILE C 330 -30.41 18.84 -6.56
N TYR C 331 -30.11 19.35 -7.74
CA TYR C 331 -28.79 19.93 -8.01
C TYR C 331 -28.89 21.44 -8.18
N LYS C 332 -28.46 22.18 -7.16
CA LYS C 332 -28.43 23.63 -7.20
C LYS C 332 -27.05 24.02 -7.69
N ASN C 333 -26.93 24.30 -8.98
CA ASN C 333 -25.65 24.71 -9.56
C ASN C 333 -25.49 26.21 -9.51
N GLU C 334 -24.45 26.66 -8.80
CA GLU C 334 -24.09 28.07 -8.61
C GLU C 334 -25.30 29.00 -8.53
N ASN C 335 -26.18 28.68 -7.56
CA ASN C 335 -27.37 29.46 -7.22
C ASN C 335 -28.52 29.29 -8.20
N GLN C 336 -28.52 28.28 -9.05
CA GLN C 336 -29.64 28.06 -9.95
C GLN C 336 -29.85 26.56 -10.15
N ILE C 337 -31.09 26.11 -9.97
CA ILE C 337 -31.42 24.70 -10.08
C ILE C 337 -31.45 24.33 -11.56
N ILE C 338 -30.61 23.38 -11.96
CA ILE C 338 -30.55 22.94 -13.35
C ILE C 338 -31.79 22.13 -13.70
N SER C 339 -32.02 21.93 -15.00
CA SER C 339 -33.15 21.13 -15.45
C SER C 339 -32.91 19.66 -15.14
N SER C 340 -33.98 18.97 -14.75
CA SER C 340 -33.88 17.54 -14.45
C SER C 340 -33.39 16.73 -15.65
N LYS C 341 -33.57 17.24 -16.86
CA LYS C 341 -33.06 16.55 -18.03
C LYS C 341 -31.54 16.57 -18.07
N GLN C 342 -30.92 17.56 -17.43
CA GLN C 342 -29.47 17.67 -17.36
C GLN C 342 -28.83 16.81 -16.27
N ILE C 343 -29.61 16.36 -15.29
CA ILE C 343 -29.06 15.60 -14.18
C ILE C 343 -28.78 14.18 -14.63
N VAL C 344 -27.54 13.72 -14.39
CA VAL C 344 -27.14 12.34 -14.64
C VAL C 344 -26.67 11.74 -13.32
N TRP C 345 -26.80 10.42 -13.21
CA TRP C 345 -26.44 9.68 -12.01
C TRP C 345 -25.19 8.83 -12.23
N TRP C 346 -24.40 8.70 -11.18
CA TRP C 346 -23.17 7.93 -11.20
C TRP C 346 -23.14 6.98 -10.01
N ARG C 347 -22.40 5.88 -10.16
CA ARG C 347 -22.25 4.88 -9.11
C ARG C 347 -20.79 4.83 -8.69
N ASN C 348 -20.52 5.24 -7.45
CA ASN C 348 -19.18 5.22 -6.88
C ASN C 348 -18.17 5.95 -7.76
N LEU C 349 -18.63 6.93 -8.53
CA LEU C 349 -17.82 7.68 -9.49
C LEU C 349 -17.14 6.78 -10.51
N ALA C 350 -17.55 5.51 -10.62
CA ALA C 350 -16.90 4.56 -11.50
C ALA C 350 -17.65 4.32 -12.81
N GLU C 351 -18.97 4.25 -12.79
CA GLU C 351 -19.71 3.96 -14.01
C GLU C 351 -21.04 4.68 -14.01
N LYS C 352 -21.38 5.24 -15.17
CA LYS C 352 -22.66 5.91 -15.36
C LYS C 352 -23.81 4.90 -15.38
N ILE C 353 -24.85 5.19 -14.61
CA ILE C 353 -26.02 4.32 -14.60
C ILE C 353 -26.79 4.49 -15.91
N PRO C 354 -27.23 3.41 -16.56
CA PRO C 354 -27.96 3.56 -17.82
C PRO C 354 -29.15 4.50 -17.71
N GLU C 355 -29.28 5.37 -18.71
CA GLU C 355 -30.38 6.34 -18.74
C GLU C 355 -31.74 5.69 -18.70
N ILE C 356 -31.84 4.41 -19.08
CA ILE C 356 -33.12 3.70 -19.04
C ILE C 356 -33.70 3.68 -17.63
N GLN C 357 -32.83 3.62 -16.62
CA GLN C 357 -33.29 3.60 -15.23
C GLN C 357 -33.67 4.98 -14.71
N TYR C 358 -33.38 6.05 -15.43
CA TYR C 358 -33.73 7.37 -14.95
C TYR C 358 -35.22 7.65 -15.14
N SER C 359 -35.74 8.54 -14.31
CA SER C 359 -37.14 8.93 -14.38
C SER C 359 -37.27 10.40 -14.00
N ILE C 360 -37.92 11.17 -14.85
CA ILE C 360 -38.12 12.60 -14.60
C ILE C 360 -39.36 12.82 -13.74
N VAL C 361 -39.16 12.92 -12.41
CA VAL C 361 -40.28 13.17 -11.52
C VAL C 361 -40.90 14.52 -11.80
N SER C 362 -40.06 15.54 -11.96
CA SER C 362 -40.51 16.89 -12.26
C SER C 362 -39.36 17.63 -12.93
N ASP C 363 -39.58 18.91 -13.23
CA ASP C 363 -38.54 19.72 -13.87
C ASP C 363 -37.29 19.85 -13.02
N ARG C 364 -37.38 19.68 -11.69
CA ARG C 364 -36.22 19.84 -10.83
C ARG C 364 -35.81 18.59 -10.07
N VAL C 365 -36.68 17.60 -9.94
CA VAL C 365 -36.40 16.39 -9.16
C VAL C 365 -36.18 15.24 -10.12
N SER C 366 -34.98 14.66 -10.09
CA SER C 366 -34.66 13.47 -10.87
C SER C 366 -34.78 12.24 -9.99
N LYS C 367 -35.06 11.10 -10.63
CA LYS C 367 -35.24 9.85 -9.91
C LYS C 367 -34.50 8.73 -10.61
N VAL C 368 -33.89 7.85 -9.81
CA VAL C 368 -33.21 6.66 -10.30
C VAL C 368 -33.85 5.45 -9.62
N THR C 369 -34.17 4.43 -10.40
CA THR C 369 -34.82 3.23 -9.89
C THR C 369 -33.90 2.03 -10.11
N PHE C 370 -33.68 1.27 -9.04
CA PHE C 370 -32.88 0.04 -9.11
C PHE C 370 -33.82 -1.15 -8.99
N SER C 371 -33.69 -2.10 -9.91
CA SER C 371 -34.52 -3.29 -9.94
C SER C 371 -33.66 -4.52 -9.66
N ASN C 372 -34.25 -5.48 -8.95
CA ASN C 372 -33.59 -6.74 -8.57
C ASN C 372 -32.18 -6.48 -8.04
N LEU C 373 -32.12 -5.66 -7.00
CA LEU C 373 -30.85 -5.26 -6.40
C LEU C 373 -29.99 -6.46 -6.03
N LYS C 374 -28.73 -6.41 -6.43
CA LYS C 374 -27.74 -7.41 -6.07
C LYS C 374 -27.02 -6.98 -4.80
N ALA C 375 -26.57 -7.97 -4.02
CA ALA C 375 -25.86 -7.68 -2.78
C ALA C 375 -24.66 -6.79 -3.05
N THR C 376 -24.56 -5.69 -2.30
CA THR C 376 -23.48 -4.73 -2.49
C THR C 376 -22.15 -5.35 -2.12
N ARG C 377 -21.22 -5.38 -3.07
CA ARG C 377 -19.90 -5.93 -2.80
C ARG C 377 -19.09 -4.90 -2.02
N PRO C 378 -18.56 -5.25 -0.84
CA PRO C 378 -17.82 -4.25 -0.07
C PRO C 378 -16.47 -3.97 -0.69
N ARG C 379 -16.08 -2.70 -0.66
CA ARG C 379 -14.79 -2.24 -1.17
C ARG C 379 -13.97 -1.76 0.04
N GLY C 380 -13.29 -2.71 0.68
CA GLY C 380 -12.52 -2.41 1.87
C GLY C 380 -13.42 -2.04 3.04
N LYS C 381 -13.18 -0.86 3.63
CA LYS C 381 -14.02 -0.43 4.73
C LYS C 381 -15.42 -0.02 4.28
N PHE C 382 -15.59 0.27 3.00
CA PHE C 382 -16.87 0.76 2.49
C PHE C 382 -17.77 -0.41 2.11
N THR C 383 -18.79 -0.67 2.93
CA THR C 383 -19.75 -1.72 2.70
C THR C 383 -20.96 -1.28 1.90
N TYR C 384 -21.06 0.01 1.58
CA TYR C 384 -22.17 0.59 0.85
C TYR C 384 -21.72 1.12 -0.50
N ASP C 385 -22.69 1.33 -1.38
CA ASP C 385 -22.43 1.94 -2.68
C ASP C 385 -22.78 3.42 -2.64
N ALA C 386 -21.86 4.24 -3.13
CA ALA C 386 -22.04 5.69 -3.14
C ALA C 386 -22.75 6.10 -4.42
N VAL C 387 -23.97 6.61 -4.30
CA VAL C 387 -24.76 7.06 -5.44
C VAL C 387 -24.61 8.56 -5.54
N TYR C 388 -24.24 9.04 -6.72
CA TYR C 388 -23.94 10.45 -6.94
C TYR C 388 -24.96 11.12 -7.86
N CYS C 389 -25.36 12.33 -7.46
CA CYS C 389 -26.22 13.18 -8.28
C CYS C 389 -25.30 14.17 -8.97
N CYS C 390 -25.23 14.10 -10.31
CA CYS C 390 -24.26 14.89 -11.04
C CYS C 390 -24.91 15.79 -12.09
N ASN C 391 -24.30 16.95 -12.29
CA ASN C 391 -24.72 17.92 -13.30
C ASN C 391 -23.87 17.67 -14.53
N GLU C 392 -24.26 16.67 -15.31
CA GLU C 392 -23.54 16.26 -16.52
C GLU C 392 -22.16 15.76 -16.08
N GLN C 393 -21.09 16.14 -16.78
CA GLN C 393 -19.74 15.72 -16.41
C GLN C 393 -19.36 16.11 -14.99
N ALA C 394 -19.84 17.24 -14.49
CA ALA C 394 -19.46 17.72 -13.17
C ALA C 394 -20.33 17.07 -12.09
N CYS C 395 -19.72 16.23 -11.28
CA CYS C 395 -20.37 15.59 -10.13
C CYS C 395 -20.16 16.42 -8.88
N HIS C 396 -20.88 16.07 -7.82
CA HIS C 396 -20.71 16.75 -6.53
C HIS C 396 -20.08 15.79 -5.54
N HIS C 397 -19.59 16.35 -4.44
CA HIS C 397 -18.95 15.52 -3.41
C HIS C 397 -19.96 14.73 -2.57
N ARG C 398 -21.18 15.25 -2.42
CA ARG C 398 -22.18 14.59 -1.60
C ARG C 398 -22.83 13.42 -2.33
N TYR C 399 -22.96 12.29 -1.64
CA TYR C 399 -23.50 11.08 -2.22
C TYR C 399 -24.57 10.49 -1.29
N ALA C 400 -25.33 9.54 -1.83
CA ALA C 400 -26.34 8.81 -1.09
C ALA C 400 -25.83 7.42 -0.74
N GLU C 401 -26.10 6.98 0.49
CA GLU C 401 -25.65 5.69 0.97
C GLU C 401 -26.72 4.64 0.72
N LEU C 402 -26.39 3.65 -0.10
CA LEU C 402 -27.28 2.56 -0.46
C LEU C 402 -26.79 1.28 0.20
N TYR C 403 -27.57 0.74 1.12
CA TYR C 403 -27.21 -0.47 1.84
C TYR C 403 -28.09 -1.62 1.36
N VAL C 404 -27.47 -2.63 0.77
CA VAL C 404 -28.16 -3.83 0.30
C VAL C 404 -27.57 -5.02 1.03
N ILE C 405 -28.40 -5.68 1.83
CA ILE C 405 -27.93 -6.79 2.65
C ILE C 405 -28.56 -8.10 2.19
#